data_5XMW
#
_entry.id   5XMW
#
_cell.length_a   73.924
_cell.length_b   90.169
_cell.length_c   113.056
_cell.angle_alpha   90.00
_cell.angle_beta   90.00
_cell.angle_gamma   90.00
#
_symmetry.space_group_name_H-M   'P 21 21 21'
#
loop_
_entity.id
_entity.type
_entity.pdbx_description
1 polymer 'Zearalenone lactonase'
2 water water
#
_entity_poly.entity_id   1
_entity_poly.type   'polypeptide(L)'
_entity_poly.pdbx_seq_one_letter_code
;(MSE)RTRSTISTPNGITWYYEQEGTGPDIVLVPDGLGECQ(MSE)FDSSVSQIAAQGFRVTTFD(MSE)PG(MSE)SRS
AKAPAETYTEVTAQKLASYVISILDALDIKHATVWGCSSGASTVVALLLGYPDRIRNA(MSE)CHELPTKLLDHLSNTAV
LEDEEISNILANV(MSE)LNDVSGGSEAWQALGVEVHARLHKNYPVWARGYPRTIPPSAPVQDVEALRGKPLDWTVGAAT
PTESFFDNIVTATKAGVNIGLLPG(MSE)HFPYVSHPDVFAKYVVETTQKHLWNSSSVDKLAAALEHHHHHH
;
_entity_poly.pdbx_strand_id   A,B
#
# COMPACT_ATOMS: atom_id res chain seq x y z
N ARG A 2 -0.15 31.09 21.89
CA ARG A 2 0.20 30.82 20.50
C ARG A 2 0.09 32.06 19.69
N THR A 3 1.12 32.36 18.94
CA THR A 3 1.14 33.53 18.11
C THR A 3 0.41 33.30 16.83
N ARG A 4 -0.44 34.22 16.43
CA ARG A 4 -1.09 34.11 15.14
C ARG A 4 -0.84 35.47 14.55
N SER A 5 -0.19 35.55 13.40
CA SER A 5 0.13 36.81 12.79
C SER A 5 0.45 36.70 11.34
N THR A 6 0.79 37.82 10.71
CA THR A 6 1.14 37.83 9.31
C THR A 6 2.47 38.49 9.12
N ILE A 7 3.15 38.19 8.03
CA ILE A 7 4.45 38.77 7.76
C ILE A 7 4.71 38.79 6.28
N SER A 8 5.49 39.76 5.82
CA SER A 8 5.74 39.92 4.39
C SER A 8 7.21 39.59 4.06
N THR A 9 7.42 39.01 2.88
CA THR A 9 8.74 38.64 2.38
C THR A 9 9.06 39.39 1.07
N PRO A 10 10.36 39.54 0.73
CA PRO A 10 10.80 40.20 -0.50
C PRO A 10 10.17 39.68 -1.81
N ASN A 11 9.86 38.38 -1.90
CA ASN A 11 9.17 37.82 -3.10
C ASN A 11 7.71 38.26 -3.36
N GLY A 12 7.12 39.01 -2.42
CA GLY A 12 5.80 39.64 -2.62
C GLY A 12 4.64 38.98 -1.88
N ILE A 13 4.96 37.97 -1.05
CA ILE A 13 3.96 37.17 -0.37
C ILE A 13 3.76 37.71 1.03
N THR A 14 2.50 38.03 1.37
CA THR A 14 2.11 38.33 2.75
C THR A 14 1.60 37.04 3.40
N TRP A 15 2.42 36.44 4.24
CA TRP A 15 2.12 35.15 4.85
C TRP A 15 1.28 35.30 6.09
N TYR A 16 0.27 34.46 6.23
CA TYR A 16 -0.37 34.20 7.52
C TYR A 16 0.37 33.02 8.15
N TYR A 17 0.79 33.18 9.40
CA TYR A 17 1.53 32.15 10.10
C TYR A 17 1.08 32.03 11.55
N GLU A 18 1.39 30.88 12.15
CA GLU A 18 1.14 30.59 13.55
C GLU A 18 2.41 30.00 14.16
N GLN A 19 2.61 30.24 15.46
CA GLN A 19 3.85 29.84 16.14
C GLN A 19 3.59 29.63 17.63
N GLU A 20 4.21 28.61 18.21
CA GLU A 20 3.99 28.24 19.63
C GLU A 20 5.17 27.49 20.21
N GLY A 21 5.51 27.78 21.47
CA GLY A 21 6.56 27.08 22.20
C GLY A 21 7.96 27.58 21.94
N THR A 22 8.93 27.03 22.68
CA THR A 22 10.36 27.31 22.46
C THR A 22 11.14 26.01 22.52
N GLY A 23 12.25 25.99 21.77
CA GLY A 23 13.12 24.83 21.64
C GLY A 23 13.56 24.72 20.19
N PRO A 24 13.91 23.48 19.75
CA PRO A 24 14.31 23.29 18.37
C PRO A 24 13.12 23.47 17.45
N ASP A 25 13.33 24.05 16.26
CA ASP A 25 12.24 24.40 15.38
C ASP A 25 11.69 23.23 14.60
N ILE A 26 10.36 23.12 14.57
CA ILE A 26 9.64 22.16 13.74
C ILE A 26 8.65 22.97 12.91
N VAL A 27 8.71 22.81 11.59
CA VAL A 27 7.89 23.57 10.65
C VAL A 27 6.89 22.60 10.00
N LEU A 28 5.60 22.87 10.16
CA LEU A 28 4.54 22.06 9.56
C LEU A 28 4.06 22.67 8.25
N VAL A 29 4.60 22.19 7.12
CA VAL A 29 4.22 22.67 5.79
C VAL A 29 2.89 21.99 5.39
N PRO A 30 1.86 22.79 5.04
CA PRO A 30 0.62 22.16 4.60
C PRO A 30 0.64 21.55 3.21
N ASP A 31 -0.48 20.92 2.85
CA ASP A 31 -0.70 20.35 1.51
C ASP A 31 -0.91 21.42 0.44
N GLY A 32 -1.26 20.98 -0.77
CA GLY A 32 -1.64 21.89 -1.85
C GLY A 32 -2.78 22.84 -1.52
N LEU A 33 -3.72 22.35 -0.70
CA LEU A 33 -4.85 23.17 -0.24
C LEU A 33 -4.41 24.35 0.62
N GLY A 34 -3.31 24.18 1.36
CA GLY A 34 -2.60 25.31 1.99
C GLY A 34 -3.27 25.89 3.20
N GLU A 35 -3.84 25.03 4.04
CA GLU A 35 -4.58 25.44 5.22
C GLU A 35 -3.86 24.91 6.46
N CYS A 36 -3.36 25.82 7.30
CA CYS A 36 -2.64 25.49 8.52
C CYS A 36 -3.54 25.26 9.72
N GLN A 37 -4.84 25.56 9.58
CA GLN A 37 -5.82 25.30 10.66
C GLN A 37 -6.05 23.82 10.91
N PHE A 39 -3.60 21.72 11.20
CA PHE A 39 -2.59 21.40 12.22
C PHE A 39 -2.91 21.86 13.66
N ASP A 40 -3.91 22.73 13.81
CA ASP A 40 -4.25 23.38 15.11
C ASP A 40 -4.14 22.50 16.37
N SER A 41 -4.71 21.30 16.30
CA SER A 41 -4.76 20.41 17.44
C SER A 41 -3.36 19.93 17.85
N SER A 42 -2.63 19.40 16.87
CA SER A 42 -1.30 18.87 17.10
C SER A 42 -0.19 19.89 17.39
N VAL A 43 -0.39 21.15 17.02
CA VAL A 43 0.63 22.22 17.24
C VAL A 43 0.91 22.43 18.73
N SER A 44 -0.14 22.45 19.55
CA SER A 44 0.00 22.57 20.99
C SER A 44 0.64 21.38 21.66
N GLN A 45 0.32 20.17 21.18
CA GLN A 45 0.87 18.93 21.73
C GLN A 45 2.36 18.80 21.40
N ILE A 46 2.75 19.12 20.17
CA ILE A 46 4.14 19.01 19.72
C ILE A 46 5.01 20.07 20.41
N ALA A 47 4.49 21.30 20.52
CA ALA A 47 5.19 22.39 21.18
C ALA A 47 5.39 22.17 22.70
N ALA A 48 4.50 21.42 23.32
CA ALA A 48 4.58 21.12 24.76
C ALA A 48 5.69 20.16 25.14
N GLN A 49 6.34 19.49 24.19
CA GLN A 49 7.45 18.58 24.47
C GLN A 49 8.82 19.29 24.29
N GLY A 50 8.86 20.63 24.39
CA GLY A 50 10.10 21.37 24.24
C GLY A 50 10.46 21.65 22.80
N PHE A 51 9.53 22.20 22.03
CA PHE A 51 9.75 22.55 20.61
C PHE A 51 9.04 23.86 20.25
N ARG A 52 9.59 24.58 19.28
CA ARG A 52 8.96 25.77 18.72
C ARG A 52 8.33 25.37 17.40
N VAL A 53 7.00 25.21 17.41
CA VAL A 53 6.26 24.71 16.26
C VAL A 53 5.75 25.87 15.42
N THR A 54 6.19 25.97 14.17
CA THR A 54 5.76 26.99 13.22
C THR A 54 4.92 26.38 12.08
N THR A 55 3.95 27.13 11.60
CA THR A 55 3.09 26.72 10.50
C THR A 55 2.45 27.94 9.85
N PHE A 56 1.95 27.79 8.63
CA PHE A 56 1.50 28.91 7.83
C PHE A 56 0.67 28.48 6.61
N ASP A 57 -0.29 29.31 6.24
CA ASP A 57 -1.01 29.15 4.98
C ASP A 57 -0.09 29.46 3.81
N PRO A 59 1.09 30.35 -0.16
CA PRO A 59 0.77 31.48 -1.02
C PRO A 59 -0.42 31.27 -1.88
N GLY A 60 -1.30 32.25 -1.87
CA GLY A 60 -2.51 32.23 -2.65
C GLY A 60 -3.64 31.42 -2.09
N SER A 62 -6.14 30.60 1.24
CA SER A 62 -6.64 31.03 2.52
C SER A 62 -6.11 32.40 2.91
N ARG A 63 -5.59 32.53 4.11
CA ARG A 63 -5.10 33.79 4.64
C ARG A 63 -3.80 34.35 4.06
N SER A 64 -3.11 33.57 3.27
CA SER A 64 -1.86 33.99 2.63
C SER A 64 -2.11 34.27 1.18
N ALA A 65 -3.34 34.64 0.87
CA ALA A 65 -3.79 34.93 -0.47
C ALA A 65 -3.14 36.09 -1.17
N LYS A 66 -2.61 37.05 -0.41
CA LYS A 66 -2.01 38.18 -1.08
C LYS A 66 -0.63 37.82 -1.50
N ALA A 67 -0.49 37.55 -2.78
CA ALA A 67 0.77 37.22 -3.39
C ALA A 67 0.75 37.39 -4.92
N PRO A 68 1.93 37.36 -5.59
CA PRO A 68 1.93 37.41 -7.06
C PRO A 68 1.34 36.15 -7.68
N ALA A 69 0.93 36.26 -8.94
CA ALA A 69 0.34 35.14 -9.64
C ALA A 69 1.31 33.99 -9.86
N GLU A 70 2.60 34.30 -9.94
CA GLU A 70 3.65 33.29 -10.12
C GLU A 70 3.65 32.22 -9.01
N THR A 71 3.33 32.64 -7.77
CA THR A 71 3.44 31.76 -6.62
C THR A 71 2.34 30.71 -6.49
N TYR A 72 1.22 30.89 -7.20
CA TYR A 72 0.11 29.89 -7.20
C TYR A 72 -0.36 29.47 -8.60
N THR A 73 0.53 29.64 -9.60
CA THR A 73 0.28 29.16 -10.96
C THR A 73 1.54 28.48 -11.48
N GLU A 74 1.37 27.31 -12.08
CA GLU A 74 2.46 26.45 -12.51
C GLU A 74 3.46 26.20 -11.39
N VAL A 75 2.93 25.63 -10.30
CA VAL A 75 3.66 25.49 -9.05
C VAL A 75 4.48 24.21 -9.10
N THR A 76 5.71 24.29 -8.58
CA THR A 76 6.62 23.16 -8.50
C THR A 76 7.16 23.02 -7.08
N ALA A 77 7.81 21.88 -6.84
CA ALA A 77 8.40 21.62 -5.55
C ALA A 77 9.57 22.58 -5.25
N GLN A 78 10.29 22.99 -6.28
CA GLN A 78 11.46 23.84 -6.13
C GLN A 78 11.05 25.30 -5.85
N LYS A 79 9.94 25.74 -6.45
CA LYS A 79 9.36 27.06 -6.18
C LYS A 79 8.85 27.16 -4.76
N LEU A 80 8.07 26.17 -4.34
CA LEU A 80 7.53 26.14 -2.97
C LEU A 80 8.62 26.07 -1.92
N ALA A 81 9.74 25.39 -2.23
CA ALA A 81 10.89 25.30 -1.32
C ALA A 81 11.52 26.65 -1.11
N SER A 82 11.67 27.43 -2.18
CA SER A 82 12.21 28.79 -2.08
C SER A 82 11.31 29.74 -1.34
N TYR A 83 9.99 29.54 -1.42
CA TYR A 83 9.01 30.35 -0.67
C TYR A 83 9.03 29.99 0.81
N VAL A 84 9.23 28.72 1.14
CA VAL A 84 9.35 28.29 2.53
C VAL A 84 10.62 28.83 3.13
N ILE A 85 11.73 28.81 2.39
CA ILE A 85 13.01 29.36 2.87
C ILE A 85 12.87 30.86 3.19
N SER A 86 12.07 31.59 2.41
CA SER A 86 11.89 33.01 2.61
C SER A 86 11.19 33.37 3.92
N ILE A 87 10.15 32.63 4.29
CA ILE A 87 9.44 32.84 5.58
C ILE A 87 10.29 32.37 6.76
N LEU A 88 11.08 31.33 6.58
CA LEU A 88 12.02 30.91 7.62
C LEU A 88 13.15 31.94 7.81
N ASP A 89 13.59 32.60 6.75
CA ASP A 89 14.51 33.74 6.84
C ASP A 89 13.86 34.96 7.51
N ALA A 90 12.59 35.20 7.24
CA ALA A 90 11.84 36.30 7.84
C ALA A 90 11.61 36.14 9.34
N LEU A 91 11.30 34.93 9.77
CA LEU A 91 11.11 34.58 11.18
C LEU A 91 12.40 34.21 11.91
N ASP A 92 13.54 34.20 11.22
CA ASP A 92 14.86 33.85 11.77
C ASP A 92 14.88 32.41 12.36
N ILE A 93 14.52 31.45 11.52
CA ILE A 93 14.61 30.03 11.81
C ILE A 93 15.76 29.49 10.96
N LYS A 94 16.95 29.42 11.56
CA LYS A 94 18.14 29.04 10.78
C LYS A 94 18.27 27.53 10.59
N HIS A 95 17.88 26.76 11.60
N HIS A 95 17.88 26.76 11.60
CA HIS A 95 17.89 25.29 11.54
CA HIS A 95 17.89 25.27 11.53
C HIS A 95 16.52 24.74 11.97
C HIS A 95 16.53 24.74 11.96
N ALA A 96 15.95 23.83 11.18
CA ALA A 96 14.58 23.30 11.44
C ALA A 96 14.31 21.89 10.93
N THR A 97 13.34 21.25 11.58
CA THR A 97 12.74 20.01 11.09
C THR A 97 11.47 20.36 10.32
N VAL A 98 11.19 19.64 9.24
CA VAL A 98 10.09 19.98 8.33
C VAL A 98 9.16 18.78 8.09
N TRP A 99 7.86 19.01 8.28
CA TRP A 99 6.81 18.06 7.89
C TRP A 99 6.20 18.54 6.60
N GLY A 100 5.80 17.61 5.77
CA GLY A 100 5.15 17.93 4.49
C GLY A 100 4.30 16.77 3.98
N CYS A 101 3.15 17.11 3.40
CA CYS A 101 2.26 16.14 2.78
C CYS A 101 1.74 16.67 1.43
N SER A 102 1.43 15.75 0.52
CA SER A 102 0.98 16.07 -0.84
C SER A 102 2.06 16.88 -1.56
N SER A 103 1.73 18.05 -2.11
CA SER A 103 2.74 19.00 -2.62
C SER A 103 3.76 19.43 -1.56
N GLY A 104 3.33 19.49 -0.30
CA GLY A 104 4.20 19.78 0.84
C GLY A 104 5.28 18.72 1.01
N ALA A 105 4.97 17.47 0.66
CA ALA A 105 5.93 16.37 0.73
C ALA A 105 7.03 16.53 -0.29
N SER A 106 6.65 16.97 -1.49
CA SER A 106 7.60 17.31 -2.52
C SER A 106 8.46 18.52 -2.11
N THR A 107 7.86 19.49 -1.42
CA THR A 107 8.56 20.67 -0.95
C THR A 107 9.63 20.38 0.10
N VAL A 108 9.31 19.60 1.12
CA VAL A 108 10.27 19.24 2.17
C VAL A 108 11.47 18.42 1.69
N VAL A 109 11.29 17.60 0.67
CA VAL A 109 12.39 16.85 0.09
C VAL A 109 13.25 17.78 -0.76
N ALA A 110 12.60 18.70 -1.48
CA ALA A 110 13.31 19.78 -2.18
C ALA A 110 14.07 20.71 -1.22
N LEU A 111 13.50 20.96 -0.04
CA LEU A 111 14.16 21.70 1.02
C LEU A 111 15.41 21.00 1.56
N LEU A 112 15.31 19.69 1.74
CA LEU A 112 16.39 18.88 2.30
C LEU A 112 17.57 18.76 1.34
N LEU A 113 17.29 18.46 0.08
CA LEU A 113 18.33 18.29 -0.93
C LEU A 113 18.92 19.66 -1.34
N GLY A 114 18.06 20.63 -1.54
CA GLY A 114 18.47 21.99 -1.95
C GLY A 114 19.16 22.81 -0.86
N TYR A 115 18.69 22.71 0.37
CA TYR A 115 19.21 23.50 1.48
C TYR A 115 19.54 22.58 2.68
N PRO A 116 20.58 21.74 2.54
CA PRO A 116 20.91 20.76 3.60
C PRO A 116 21.35 21.37 4.92
N ASP A 117 22.07 22.48 4.85
CA ASP A 117 22.47 23.27 6.03
C ASP A 117 21.28 23.76 6.91
N ARG A 118 20.15 24.06 6.27
CA ARG A 118 18.96 24.60 6.96
C ARG A 118 18.01 23.53 7.50
N ILE A 119 17.99 22.33 6.92
CA ILE A 119 17.06 21.27 7.31
C ILE A 119 17.76 20.20 8.17
N ARG A 120 17.29 20.03 9.40
CA ARG A 120 17.74 18.97 10.32
C ARG A 120 17.33 17.61 9.79
N ASN A 121 16.03 17.50 9.50
CA ASN A 121 15.43 16.32 8.90
C ASN A 121 14.09 16.68 8.27
N ALA A 122 13.63 15.82 7.37
CA ALA A 122 12.37 16.02 6.67
C ALA A 122 11.47 14.83 6.85
N CYS A 124 8.26 13.49 4.84
CA CYS A 124 7.34 13.49 3.72
C CYS A 124 6.25 12.45 3.90
N HIS A 125 5.03 12.80 3.52
CA HIS A 125 3.88 11.90 3.58
C HIS A 125 3.10 11.95 2.26
N GLU A 126 3.10 10.83 1.54
CA GLU A 126 2.33 10.68 0.31
C GLU A 126 2.73 11.72 -0.75
N LEU A 127 3.99 11.63 -1.17
CA LEU A 127 4.53 12.48 -2.21
C LEU A 127 4.02 12.04 -3.57
N PRO A 128 3.31 12.93 -4.29
CA PRO A 128 2.79 12.58 -5.62
C PRO A 128 3.85 12.63 -6.69
N THR A 129 4.04 11.53 -7.42
CA THR A 129 4.94 11.48 -8.58
C THR A 129 4.26 11.21 -9.93
N LYS A 130 3.00 10.78 -9.96
CA LYS A 130 2.27 10.43 -11.18
C LYS A 130 1.27 11.53 -11.55
N LEU A 131 1.08 11.75 -12.85
CA LEU A 131 0.05 12.69 -13.34
C LEU A 131 -1.35 12.08 -13.37
N LEU A 132 -2.18 12.42 -12.40
CA LEU A 132 -3.57 11.93 -12.35
C LEU A 132 -4.45 12.79 -13.24
N ASP A 133 -4.99 12.18 -14.30
CA ASP A 133 -5.73 12.91 -15.35
C ASP A 133 -7.09 13.47 -14.88
N HIS A 134 -7.78 12.74 -14.01
CA HIS A 134 -9.06 13.19 -13.44
C HIS A 134 -8.97 14.47 -12.58
N LEU A 135 -7.80 14.70 -11.96
CA LEU A 135 -7.54 15.98 -11.25
C LEU A 135 -7.13 17.13 -12.19
N SER A 136 -6.41 16.80 -13.26
CA SER A 136 -5.97 17.81 -14.27
C SER A 136 -7.15 18.39 -15.07
N ASN A 137 -8.14 17.55 -15.39
CA ASN A 137 -9.32 17.96 -16.17
C ASN A 137 -10.30 18.90 -15.44
N THR A 138 -10.24 18.95 -14.12
CA THR A 138 -11.07 19.90 -13.34
C THR A 138 -10.65 21.38 -13.53
N ALA A 139 -9.36 21.62 -13.82
CA ALA A 139 -8.82 23.00 -13.99
C ALA A 139 -9.58 23.88 -15.02
N VAL A 140 -10.06 23.25 -16.09
CA VAL A 140 -10.75 23.95 -17.19
C VAL A 140 -12.20 24.37 -16.87
N LEU A 141 -12.79 23.81 -15.82
CA LEU A 141 -14.22 24.05 -15.48
C LEU A 141 -14.43 25.41 -14.78
N GLU A 142 -15.70 25.74 -14.52
CA GLU A 142 -16.04 26.93 -13.73
C GLU A 142 -15.65 26.74 -12.25
N ASP A 143 -15.54 27.86 -11.53
CA ASP A 143 -15.05 27.81 -10.13
C ASP A 143 -15.96 27.06 -9.17
N GLU A 144 -17.27 27.26 -9.27
CA GLU A 144 -18.24 26.58 -8.40
C GLU A 144 -18.34 25.06 -8.63
N GLU A 145 -18.16 24.63 -9.89
CA GLU A 145 -18.16 23.20 -10.22
C GLU A 145 -16.89 22.51 -9.71
N ILE A 146 -15.74 23.19 -9.73
CA ILE A 146 -14.49 22.67 -9.18
C ILE A 146 -14.60 22.48 -7.67
N SER A 147 -15.07 23.52 -6.99
CA SER A 147 -15.20 23.49 -5.54
C SER A 147 -16.17 22.42 -5.03
N ASN A 148 -17.31 22.25 -5.72
CA ASN A 148 -18.28 21.21 -5.37
C ASN A 148 -17.75 19.80 -5.64
N ILE A 149 -17.02 19.61 -6.73
CA ILE A 149 -16.40 18.31 -7.07
C ILE A 149 -15.28 17.98 -6.11
N LEU A 150 -14.34 18.93 -5.93
CA LEU A 150 -13.17 18.68 -5.06
C LEU A 150 -13.49 18.60 -3.57
N ALA A 151 -14.45 19.36 -3.09
CA ALA A 151 -14.86 19.25 -1.66
C ALA A 151 -15.46 17.87 -1.35
N ASN A 152 -16.19 17.31 -2.32
CA ASN A 152 -16.70 15.95 -2.22
C ASN A 152 -15.57 14.90 -2.29
N VAL A 153 -14.58 15.14 -3.15
CA VAL A 153 -13.40 14.26 -3.25
C VAL A 153 -12.62 14.19 -1.92
N LEU A 155 -13.73 14.82 1.09
CA LEU A 155 -14.56 14.21 2.11
C LEU A 155 -14.54 12.65 2.05
N ASN A 156 -14.80 12.10 0.86
CA ASN A 156 -15.04 10.66 0.66
C ASN A 156 -13.84 9.86 0.22
N ASP A 157 -13.13 10.39 -0.77
CA ASP A 157 -11.91 9.82 -1.30
C ASP A 157 -10.58 9.87 -0.54
N VAL A 158 -10.22 11.01 0.03
CA VAL A 158 -8.93 11.13 0.70
C VAL A 158 -8.86 11.61 2.13
N SER A 159 -9.97 12.00 2.71
CA SER A 159 -9.92 12.52 4.06
C SER A 159 -9.43 11.50 5.07
N GLY A 160 -9.84 10.25 4.95
CA GLY A 160 -9.41 9.26 5.91
C GLY A 160 -10.25 9.24 7.15
N GLY A 161 -11.40 9.88 7.07
CA GLY A 161 -12.35 9.96 8.16
C GLY A 161 -13.17 11.20 7.99
N SER A 162 -14.40 11.01 7.58
CA SER A 162 -15.30 12.11 7.32
C SER A 162 -15.66 12.91 8.52
N GLU A 163 -15.89 12.26 9.64
CA GLU A 163 -16.32 12.98 10.81
C GLU A 163 -15.32 14.00 11.26
N ALA A 164 -14.05 13.63 11.25
CA ALA A 164 -13.00 14.53 11.63
C ALA A 164 -12.86 15.66 10.65
N TRP A 165 -12.97 15.35 9.38
CA TRP A 165 -12.84 16.33 8.34
C TRP A 165 -13.94 17.35 8.41
N GLN A 166 -15.14 16.89 8.63
CA GLN A 166 -16.28 17.75 8.71
C GLN A 166 -16.20 18.68 9.89
N ALA A 167 -15.68 18.16 10.97
CA ALA A 167 -15.55 18.88 12.25
C ALA A 167 -14.56 20.06 12.22
N LEU A 168 -13.85 20.26 11.13
CA LEU A 168 -12.98 21.42 10.98
C LEU A 168 -13.78 22.74 11.03
N GLY A 169 -15.03 22.70 10.57
CA GLY A 169 -15.99 23.78 10.76
C GLY A 169 -16.29 24.53 9.48
N VAL A 170 -17.16 25.51 9.62
CA VAL A 170 -17.70 26.25 8.47
C VAL A 170 -16.65 27.24 7.94
N GLU A 171 -15.89 27.83 8.88
CA GLU A 171 -14.92 28.87 8.50
C GLU A 171 -13.75 28.29 7.70
N VAL A 172 -13.36 27.06 8.05
CA VAL A 172 -12.27 26.37 7.37
C VAL A 172 -12.71 25.89 5.99
N HIS A 173 -13.89 25.26 5.91
CA HIS A 173 -14.45 24.82 4.63
C HIS A 173 -14.81 25.96 3.70
N ALA A 174 -15.15 27.13 4.26
CA ALA A 174 -15.33 28.35 3.46
C ALA A 174 -14.02 28.81 2.83
N ARG A 175 -12.92 28.74 3.56
CA ARG A 175 -11.57 29.06 3.01
C ARG A 175 -11.09 27.98 2.02
N LEU A 176 -11.37 26.71 2.30
CA LEU A 176 -11.09 25.61 1.35
C LEU A 176 -11.89 25.73 0.05
N HIS A 177 -13.15 26.14 0.15
CA HIS A 177 -14.02 26.37 -1.01
C HIS A 177 -13.43 27.36 -2.01
N LYS A 178 -12.79 28.44 -1.53
CA LYS A 178 -12.07 29.41 -2.38
C LYS A 178 -10.75 28.88 -2.93
N ASN A 179 -10.09 27.99 -2.19
CA ASN A 179 -8.77 27.44 -2.60
C ASN A 179 -8.82 26.38 -3.71
N TYR A 180 -9.87 25.55 -3.74
CA TYR A 180 -9.96 24.44 -4.71
C TYR A 180 -9.72 24.83 -6.19
N PRO A 181 -10.33 25.94 -6.68
CA PRO A 181 -10.02 26.38 -8.04
C PRO A 181 -8.60 26.91 -8.24
N VAL A 182 -8.03 27.53 -7.22
CA VAL A 182 -6.67 28.08 -7.28
C VAL A 182 -5.67 26.93 -7.28
N TRP A 183 -5.94 25.90 -6.48
CA TRP A 183 -5.15 24.67 -6.44
C TRP A 183 -5.25 23.92 -7.77
N ALA A 184 -6.47 23.73 -8.26
CA ALA A 184 -6.75 22.95 -9.47
C ALA A 184 -5.99 23.47 -10.69
N ARG A 185 -5.97 24.79 -10.87
CA ARG A 185 -5.24 25.43 -11.97
C ARG A 185 -3.72 25.41 -11.81
N GLY A 186 -3.24 25.55 -10.58
CA GLY A 186 -1.79 25.62 -10.32
C GLY A 186 -1.03 24.32 -10.09
N TYR A 187 -1.57 23.47 -9.23
CA TYR A 187 -0.82 22.32 -8.66
C TYR A 187 -0.76 21.00 -9.47
N PRO A 188 -1.91 20.33 -9.70
CA PRO A 188 -1.90 18.91 -10.09
C PRO A 188 -1.19 18.56 -11.42
N ARG A 189 -1.16 19.49 -12.36
CA ARG A 189 -0.47 19.27 -13.64
C ARG A 189 1.06 19.44 -13.52
N THR A 190 1.51 20.45 -12.77
CA THR A 190 2.93 20.80 -12.69
C THR A 190 3.71 20.22 -11.49
N ILE A 191 3.01 19.80 -10.43
CA ILE A 191 3.66 19.28 -9.21
C ILE A 191 4.30 17.89 -9.37
N PRO A 192 3.55 16.88 -9.88
CA PRO A 192 4.13 15.52 -9.94
C PRO A 192 5.41 15.34 -10.80
N PRO A 193 5.55 16.07 -11.92
CA PRO A 193 6.82 16.03 -12.67
C PRO A 193 8.00 16.65 -11.93
N SER A 194 7.74 17.59 -11.03
CA SER A 194 8.78 18.29 -10.28
C SER A 194 9.19 17.58 -9.01
N ALA A 195 8.75 16.35 -8.80
CA ALA A 195 9.18 15.55 -7.63
C ALA A 195 10.68 15.30 -7.70
N PRO A 196 11.42 15.62 -6.62
CA PRO A 196 12.88 15.40 -6.60
C PRO A 196 13.34 13.97 -6.23
N VAL A 197 12.42 13.01 -6.31
CA VAL A 197 12.71 11.60 -6.04
C VAL A 197 13.12 10.79 -7.28
N GLN A 198 13.35 11.47 -8.41
CA GLN A 198 13.78 10.80 -9.64
C GLN A 198 15.19 10.24 -9.47
N ASP A 199 16.09 11.05 -8.92
CA ASP A 199 17.44 10.58 -8.54
C ASP A 199 17.37 9.85 -7.20
N VAL A 200 17.57 8.54 -7.24
CA VAL A 200 17.48 7.69 -6.04
C VAL A 200 18.72 7.86 -5.19
N GLU A 201 19.90 7.94 -5.82
CA GLU A 201 21.17 8.07 -5.08
C GLU A 201 21.36 9.38 -4.34
N ALA A 202 20.66 10.43 -4.76
CA ALA A 202 20.62 11.70 -4.03
C ALA A 202 19.95 11.56 -2.65
N LEU A 203 18.97 10.69 -2.53
CA LEU A 203 18.26 10.47 -1.28
C LEU A 203 18.99 9.58 -0.28
N ARG A 204 19.95 8.77 -0.72
CA ARG A 204 20.63 7.83 0.19
C ARG A 204 21.49 8.54 1.21
N GLY A 205 21.30 8.14 2.47
CA GLY A 205 22.03 8.66 3.62
C GLY A 205 21.44 9.91 4.24
N LYS A 206 20.43 10.51 3.60
CA LYS A 206 19.85 11.77 4.03
C LYS A 206 18.92 11.54 5.21
N PRO A 207 18.78 12.55 6.10
CA PRO A 207 17.86 12.42 7.21
C PRO A 207 16.41 12.61 6.75
N LEU A 208 15.84 11.55 6.19
CA LEU A 208 14.50 11.55 5.61
C LEU A 208 13.69 10.41 6.18
N ASP A 209 12.45 10.72 6.54
CA ASP A 209 11.49 9.73 7.06
C ASP A 209 10.19 9.84 6.28
N TRP A 210 9.95 8.81 5.47
CA TRP A 210 8.83 8.77 4.56
C TRP A 210 7.66 8.02 5.20
N THR A 211 6.44 8.47 4.96
CA THR A 211 5.20 7.79 5.42
C THR A 211 4.15 7.74 4.34
N VAL A 212 3.25 6.77 4.47
CA VAL A 212 2.09 6.60 3.61
C VAL A 212 0.87 6.29 4.47
N GLY A 213 -0.29 6.71 4.04
CA GLY A 213 -1.52 6.42 4.76
C GLY A 213 -1.86 4.94 4.76
N ALA A 214 -2.28 4.44 5.91
CA ALA A 214 -2.55 3.02 6.11
C ALA A 214 -3.81 2.57 5.39
N ALA A 215 -4.87 3.38 5.44
CA ALA A 215 -6.14 3.09 4.76
C ALA A 215 -6.15 3.46 3.28
N THR A 216 -5.12 4.14 2.78
CA THR A 216 -5.03 4.53 1.37
C THR A 216 -4.91 3.28 0.48
N PRO A 217 -5.57 3.28 -0.71
CA PRO A 217 -5.34 2.22 -1.70
C PRO A 217 -3.87 2.06 -2.08
N THR A 218 -3.43 0.83 -2.32
CA THR A 218 -2.01 0.51 -2.58
C THR A 218 -1.44 1.20 -3.79
N GLU A 219 -2.25 1.33 -4.84
CA GLU A 219 -1.80 1.92 -6.10
C GLU A 219 -1.45 3.40 -5.99
N SER A 220 -2.10 4.10 -5.06
CA SER A 220 -1.99 5.56 -4.96
C SER A 220 -0.55 6.02 -4.73
N PHE A 221 0.10 5.41 -3.74
CA PHE A 221 1.50 5.72 -3.39
C PHE A 221 2.30 4.43 -3.25
N PHE A 222 2.16 3.53 -4.21
CA PHE A 222 2.99 2.34 -4.36
C PHE A 222 4.41 2.74 -4.72
N ASP A 223 4.56 3.70 -5.65
CA ASP A 223 5.87 4.25 -6.05
C ASP A 223 6.72 4.84 -4.92
N ASN A 224 6.08 5.39 -3.89
CA ASN A 224 6.78 5.93 -2.72
C ASN A 224 7.48 4.86 -1.95
N ILE A 225 6.83 3.71 -1.80
CA ILE A 225 7.36 2.60 -1.01
C ILE A 225 8.53 1.94 -1.75
N VAL A 226 8.41 1.86 -3.08
CA VAL A 226 9.46 1.31 -3.93
C VAL A 226 10.68 2.24 -3.94
N THR A 227 10.45 3.53 -4.16
CA THR A 227 11.53 4.54 -4.22
C THR A 227 12.26 4.70 -2.89
N ALA A 228 11.50 4.72 -1.79
CA ALA A 228 12.08 4.82 -0.45
C ALA A 228 12.94 3.63 -0.05
N THR A 229 12.49 2.43 -0.42
CA THR A 229 13.20 1.19 -0.07
C THR A 229 14.48 1.03 -0.88
N LYS A 230 14.46 1.47 -2.14
CA LYS A 230 15.66 1.50 -2.99
C LYS A 230 16.71 2.45 -2.44
N ALA A 231 16.29 3.62 -1.97
CA ALA A 231 17.18 4.63 -1.41
C ALA A 231 17.64 4.34 0.04
N GLY A 232 17.05 3.35 0.68
CA GLY A 232 17.37 2.99 2.06
C GLY A 232 16.80 3.95 3.08
N VAL A 233 15.75 4.68 2.71
CA VAL A 233 15.09 5.68 3.54
C VAL A 233 14.06 4.97 4.38
N ASN A 234 13.84 5.50 5.59
CA ASN A 234 12.88 4.92 6.52
C ASN A 234 11.49 5.18 5.98
N ILE A 235 10.75 4.09 5.80
CA ILE A 235 9.39 4.14 5.23
C ILE A 235 8.45 3.44 6.22
N GLY A 236 7.31 4.06 6.49
CA GLY A 236 6.39 3.58 7.50
C GLY A 236 4.95 3.93 7.16
N LEU A 237 4.08 3.73 8.13
CA LEU A 237 2.65 3.98 7.96
C LEU A 237 2.15 4.88 9.07
N LEU A 238 1.25 5.78 8.70
CA LEU A 238 0.40 6.47 9.65
C LEU A 238 -1.07 6.06 9.41
N PRO A 239 -1.89 6.13 10.43
CA PRO A 239 -3.28 5.73 10.26
C PRO A 239 -4.00 6.69 9.38
N GLY A 240 -5.09 6.25 8.77
CA GLY A 240 -5.84 7.11 7.90
C GLY A 240 -5.30 7.17 6.51
N HIS A 242 -4.73 10.47 3.50
CA HIS A 242 -4.01 11.68 3.17
C HIS A 242 -3.74 12.70 4.27
N PHE A 243 -4.66 12.89 5.19
CA PHE A 243 -4.42 13.87 6.23
C PHE A 243 -4.40 13.27 7.60
N PRO A 244 -3.24 12.79 8.03
CA PRO A 244 -3.13 12.21 9.35
C PRO A 244 -3.36 13.22 10.43
N TYR A 245 -2.88 14.43 10.22
CA TYR A 245 -3.04 15.48 11.19
C TYR A 245 -4.48 15.84 11.41
N VAL A 246 -5.34 15.62 10.44
CA VAL A 246 -6.77 15.89 10.63
C VAL A 246 -7.47 14.66 11.24
N SER A 247 -7.27 13.48 10.64
CA SER A 247 -7.96 12.26 11.08
C SER A 247 -7.48 11.68 12.42
N HIS A 248 -6.17 11.60 12.61
CA HIS A 248 -5.55 11.01 13.80
C HIS A 248 -4.48 11.97 14.37
N PRO A 249 -4.93 13.09 14.98
CA PRO A 249 -3.98 14.16 15.37
C PRO A 249 -3.01 13.77 16.49
N ASP A 250 -3.47 12.92 17.41
CA ASP A 250 -2.61 12.43 18.51
C ASP A 250 -1.49 11.51 18.01
N VAL A 251 -1.81 10.63 17.08
CA VAL A 251 -0.84 9.71 16.49
C VAL A 251 0.12 10.47 15.57
N PHE A 252 -0.41 11.46 14.86
CA PHE A 252 0.42 12.38 14.07
C PHE A 252 1.40 13.18 14.95
N ALA A 253 0.87 13.80 16.01
CA ALA A 253 1.68 14.60 16.91
C ALA A 253 2.77 13.79 17.61
N LYS A 254 2.48 12.51 17.89
CA LYS A 254 3.45 11.61 18.53
C LYS A 254 4.54 11.25 17.53
N TYR A 255 4.16 11.05 16.28
CA TYR A 255 5.13 10.67 15.24
C TYR A 255 6.10 11.81 14.95
N VAL A 256 5.60 13.05 14.93
CA VAL A 256 6.44 14.23 14.68
C VAL A 256 7.46 14.43 15.81
N VAL A 257 7.03 14.23 17.06
CA VAL A 257 7.91 14.36 18.22
C VAL A 257 8.96 13.25 18.28
N GLU A 258 8.53 12.00 18.13
CA GLU A 258 9.45 10.83 18.21
C GLU A 258 10.51 10.83 17.12
N THR A 259 10.13 11.26 15.92
CA THR A 259 11.05 11.33 14.78
C THR A 259 12.05 12.46 14.96
N THR A 260 11.59 13.63 15.39
CA THR A 260 12.49 14.77 15.68
C THR A 260 13.47 14.51 16.82
N GLN A 261 13.00 13.83 17.87
CA GLN A 261 13.84 13.44 18.98
C GLN A 261 14.93 12.41 18.56
N LYS A 262 14.61 11.56 17.60
CA LYS A 262 15.55 10.58 17.08
C LYS A 262 16.69 11.23 16.29
N HIS A 263 16.35 12.21 15.48
CA HIS A 263 17.38 12.98 14.71
C HIS A 263 18.20 13.96 15.56
N LEU A 264 17.60 14.49 16.62
CA LEU A 264 18.32 15.30 17.59
C LEU A 264 19.35 14.49 18.36
N TRP A 265 19.05 13.22 18.61
CA TRP A 265 20.00 12.29 19.25
C TRP A 265 21.17 12.01 18.34
N ASN A 266 20.90 11.79 17.04
CA ASN A 266 21.96 11.47 16.05
C ASN A 266 22.99 12.57 15.83
N SER A 267 22.61 13.81 16.10
CA SER A 267 23.56 14.94 16.10
C SER A 267 24.53 14.83 17.31
N SER A 268 25.55 14.01 17.14
CA SER A 268 26.50 13.69 18.23
C SER A 268 27.93 13.78 17.64
N SER A 269 28.47 14.99 17.73
CA SER A 269 29.67 15.40 17.01
C SER A 269 30.93 15.18 17.85
N VAL A 270 32.01 14.80 17.17
CA VAL A 270 33.35 14.71 17.78
C VAL A 270 34.01 16.07 17.45
N ARG B 2 -12.39 -30.35 -20.22
CA ARG B 2 -11.69 -30.31 -18.93
C ARG B 2 -11.86 -31.61 -18.15
N THR B 3 -10.78 -32.13 -17.59
CA THR B 3 -10.81 -33.26 -16.65
C THR B 3 -11.20 -32.83 -15.26
N ARG B 4 -12.12 -33.55 -14.64
CA ARG B 4 -12.54 -33.32 -13.25
C ARG B 4 -12.64 -34.67 -12.54
N SER B 5 -11.75 -34.92 -11.59
CA SER B 5 -11.52 -36.23 -11.02
C SER B 5 -10.89 -36.12 -9.64
N THR B 6 -10.69 -37.28 -8.99
CA THR B 6 -10.02 -37.35 -7.70
C THR B 6 -8.78 -38.21 -7.79
N ILE B 7 -7.83 -37.94 -6.90
CA ILE B 7 -6.62 -38.73 -6.79
C ILE B 7 -6.12 -38.75 -5.35
N SER B 8 -5.63 -39.91 -4.91
CA SER B 8 -5.18 -40.12 -3.53
C SER B 8 -3.66 -40.16 -3.46
N THR B 9 -3.12 -39.63 -2.36
CA THR B 9 -1.66 -39.58 -2.14
C THR B 9 -1.27 -40.32 -0.86
N PRO B 10 0.00 -40.77 -0.74
CA PRO B 10 0.50 -41.47 0.44
C PRO B 10 0.27 -40.79 1.81
N ASN B 11 0.27 -39.46 1.85
CA ASN B 11 0.00 -38.72 3.12
C ASN B 11 -1.46 -38.79 3.65
N GLY B 12 -2.37 -39.41 2.88
CA GLY B 12 -3.73 -39.66 3.36
C GLY B 12 -4.81 -38.78 2.77
N ILE B 13 -4.44 -37.91 1.83
CA ILE B 13 -5.33 -36.89 1.29
C ILE B 13 -5.92 -37.40 -0.02
N THR B 14 -7.25 -37.40 -0.10
CA THR B 14 -7.96 -37.64 -1.36
C THR B 14 -8.27 -36.27 -1.97
N TRP B 15 -7.50 -35.92 -2.99
CA TRP B 15 -7.60 -34.61 -3.62
C TRP B 15 -8.68 -34.58 -4.68
N TYR B 16 -9.47 -33.53 -4.70
CA TYR B 16 -10.27 -33.14 -5.87
C TYR B 16 -9.41 -32.21 -6.71
N TYR B 17 -9.29 -32.51 -8.00
CA TYR B 17 -8.49 -31.73 -8.90
C TYR B 17 -9.19 -31.56 -10.24
N GLU B 18 -8.75 -30.54 -10.98
CA GLU B 18 -9.19 -30.26 -12.34
C GLU B 18 -7.97 -30.03 -13.22
N GLN B 19 -8.09 -30.38 -14.50
CA GLN B 19 -6.97 -30.34 -15.44
C GLN B 19 -7.46 -30.11 -16.86
N GLU B 20 -6.74 -29.28 -17.61
CA GLU B 20 -7.12 -28.90 -18.99
C GLU B 20 -5.93 -28.49 -19.83
N GLY B 21 -5.92 -28.90 -21.09
CA GLY B 21 -4.90 -28.50 -22.07
C GLY B 21 -3.65 -29.33 -22.03
N THR B 22 -2.75 -29.08 -22.99
CA THR B 22 -1.42 -29.71 -23.02
C THR B 22 -0.36 -28.67 -23.32
N GLY B 23 0.84 -28.93 -22.79
CA GLY B 23 1.98 -28.04 -22.92
C GLY B 23 2.73 -28.00 -21.61
N PRO B 24 3.49 -26.90 -21.36
CA PRO B 24 4.17 -26.74 -20.09
C PRO B 24 3.16 -26.53 -18.96
N ASP B 25 3.45 -27.07 -17.77
CA ASP B 25 2.49 -27.10 -16.70
C ASP B 25 2.40 -25.78 -15.94
N ILE B 26 1.18 -25.35 -15.66
CA ILE B 26 0.86 -24.23 -14.80
C ILE B 26 -0.08 -24.78 -13.73
N VAL B 27 0.28 -24.59 -12.47
CA VAL B 27 -0.49 -25.05 -11.32
C VAL B 27 -1.08 -23.84 -10.59
N LEU B 28 -2.41 -23.81 -10.50
CA LEU B 28 -3.10 -22.75 -9.78
C LEU B 28 -3.42 -23.18 -8.35
N VAL B 29 -2.57 -22.78 -7.39
CA VAL B 29 -2.79 -23.11 -5.97
C VAL B 29 -3.82 -22.12 -5.40
N PRO B 30 -4.93 -22.61 -4.81
CA PRO B 30 -5.87 -21.66 -4.20
C PRO B 30 -5.41 -21.02 -2.88
N ASP B 31 -6.26 -20.14 -2.36
CA ASP B 31 -6.06 -19.49 -1.05
C ASP B 31 -6.31 -20.45 0.11
N GLY B 32 -6.29 -19.91 1.33
CA GLY B 32 -6.66 -20.68 2.54
C GLY B 32 -8.03 -21.32 2.48
N LEU B 33 -8.98 -20.63 1.84
CA LEU B 33 -10.33 -21.15 1.63
C LEU B 33 -10.37 -22.42 0.81
N GLY B 34 -9.43 -22.55 -0.13
CA GLY B 34 -9.14 -23.85 -0.78
C GLY B 34 -10.21 -24.28 -1.79
N GLU B 35 -10.69 -23.33 -2.58
CA GLU B 35 -11.73 -23.57 -3.56
C GLU B 35 -11.16 -23.27 -4.95
N CYS B 36 -11.09 -24.31 -5.79
CA CYS B 36 -10.56 -24.20 -7.15
C CYS B 36 -11.61 -23.80 -8.17
N GLN B 37 -12.88 -23.73 -7.76
CA GLN B 37 -13.96 -23.24 -8.64
C GLN B 37 -13.83 -21.74 -8.96
N PHE B 39 -11.04 -20.39 -9.86
CA PHE B 39 -10.21 -20.36 -11.09
C PHE B 39 -10.95 -20.77 -12.39
N ASP B 40 -12.13 -21.36 -12.27
CA ASP B 40 -12.88 -21.94 -13.41
C ASP B 40 -12.85 -21.18 -14.73
N SER B 41 -13.09 -19.87 -14.67
CA SER B 41 -13.17 -19.03 -15.86
C SER B 41 -11.81 -18.93 -16.57
N SER B 42 -10.78 -18.57 -15.79
CA SER B 42 -9.44 -18.39 -16.30
C SER B 42 -8.71 -19.68 -16.74
N VAL B 43 -9.12 -20.84 -16.23
CA VAL B 43 -8.45 -22.13 -16.55
C VAL B 43 -8.53 -22.46 -18.04
N SER B 44 -9.69 -22.26 -18.63
CA SER B 44 -9.88 -22.49 -20.07
C SER B 44 -9.10 -21.50 -20.95
N GLN B 45 -9.04 -20.22 -20.51
CA GLN B 45 -8.31 -19.17 -21.25
C GLN B 45 -6.81 -19.41 -21.22
N ILE B 46 -6.27 -19.77 -20.05
CA ILE B 46 -4.84 -20.00 -19.86
C ILE B 46 -4.40 -21.25 -20.60
N ALA B 47 -5.21 -22.32 -20.52
CA ALA B 47 -4.90 -23.59 -21.20
C ALA B 47 -4.94 -23.48 -22.72
N ALA B 48 -5.76 -22.57 -23.25
CA ALA B 48 -5.88 -22.37 -24.71
C ALA B 48 -4.67 -21.74 -25.36
N GLN B 49 -3.70 -21.23 -24.61
CA GLN B 49 -2.47 -20.66 -25.16
C GLN B 49 -1.30 -21.65 -25.17
N GLY B 50 -1.60 -22.95 -25.20
CA GLY B 50 -0.55 -23.98 -25.20
C GLY B 50 0.01 -24.30 -23.82
N PHE B 51 -0.86 -24.57 -22.87
CA PHE B 51 -0.47 -24.90 -21.50
C PHE B 51 -1.38 -25.99 -20.90
N ARG B 52 -0.83 -26.79 -20.00
CA ARG B 52 -1.60 -27.74 -19.22
C ARG B 52 -1.86 -27.12 -17.84
N VAL B 53 -3.07 -26.63 -17.63
CA VAL B 53 -3.45 -25.95 -16.40
C VAL B 53 -4.04 -26.93 -15.40
N THR B 54 -3.39 -27.10 -14.26
CA THR B 54 -3.86 -27.94 -13.16
C THR B 54 -4.29 -27.08 -11.94
N THR B 55 -5.31 -27.54 -11.26
CA THR B 55 -5.80 -26.89 -10.05
C THR B 55 -6.57 -27.89 -9.17
N PHE B 56 -6.68 -27.62 -7.89
CA PHE B 56 -7.32 -28.56 -7.00
C PHE B 56 -7.80 -27.91 -5.72
N ASP B 57 -8.69 -28.58 -5.00
CA ASP B 57 -9.14 -28.06 -3.74
C ASP B 57 -8.10 -28.44 -2.73
N PRO B 59 -6.36 -29.46 0.95
CA PRO B 59 -6.74 -30.46 1.93
C PRO B 59 -7.63 -29.92 2.98
N GLY B 60 -8.69 -30.68 3.23
CA GLY B 60 -9.67 -30.37 4.23
C GLY B 60 -10.73 -29.39 3.83
N SER B 62 -13.71 -28.15 1.24
CA SER B 62 -14.64 -28.47 0.19
C SER B 62 -14.49 -29.90 -0.28
N ARG B 63 -14.25 -30.09 -1.57
CA ARG B 63 -14.13 -31.42 -2.14
C ARG B 63 -12.91 -32.22 -1.78
N SER B 64 -11.89 -31.60 -1.22
CA SER B 64 -10.67 -32.26 -0.82
C SER B 64 -10.66 -32.54 0.66
N ALA B 65 -11.83 -32.57 1.26
CA ALA B 65 -11.98 -32.77 2.68
C ALA B 65 -11.50 -34.09 3.27
N LYS B 66 -11.58 -35.17 2.52
CA LYS B 66 -11.17 -36.47 3.05
C LYS B 66 -9.66 -36.48 3.24
N ALA B 67 -9.22 -36.06 4.42
CA ALA B 67 -7.83 -36.06 4.79
C ALA B 67 -7.64 -36.16 6.31
N PRO B 68 -6.39 -36.41 6.77
CA PRO B 68 -6.13 -36.40 8.21
C PRO B 68 -6.26 -35.01 8.83
N ALA B 69 -6.45 -34.95 10.13
CA ALA B 69 -6.63 -33.67 10.81
C ALA B 69 -5.35 -32.84 10.79
N GLU B 70 -4.18 -33.49 10.68
CA GLU B 70 -2.90 -32.80 10.58
C GLU B 70 -2.83 -31.79 9.42
N THR B 71 -3.47 -32.13 8.29
CA THR B 71 -3.36 -31.36 7.06
C THR B 71 -4.16 -30.05 7.05
N TYR B 72 -5.14 -29.90 7.96
CA TYR B 72 -5.93 -28.67 8.09
C TYR B 72 -6.00 -28.09 9.52
N THR B 73 -5.02 -28.45 10.36
CA THR B 73 -4.86 -27.88 11.68
C THR B 73 -3.39 -27.53 11.93
N GLU B 74 -3.14 -26.33 12.46
CA GLU B 74 -1.80 -25.76 12.63
C GLU B 74 -1.03 -25.84 11.32
N VAL B 75 -1.59 -25.19 10.30
CA VAL B 75 -1.10 -25.27 8.93
C VAL B 75 0.01 -24.24 8.74
N THR B 76 1.05 -24.65 8.01
CA THR B 76 2.18 -23.78 7.68
C THR B 76 2.46 -23.83 6.19
N ALA B 77 3.31 -22.91 5.74
CA ALA B 77 3.70 -22.84 4.35
C ALA B 77 4.49 -24.07 3.92
N GLN B 78 5.27 -24.63 4.85
CA GLN B 78 6.14 -25.75 4.53
C GLN B 78 5.34 -27.06 4.45
N LYS B 79 4.30 -27.19 5.28
CA LYS B 79 3.37 -28.32 5.24
C LYS B 79 2.58 -28.34 3.94
N LEU B 80 2.00 -27.20 3.59
CA LEU B 80 1.25 -27.06 2.34
C LEU B 80 2.10 -27.30 1.10
N ALA B 81 3.37 -26.92 1.15
CA ALA B 81 4.32 -27.15 0.04
C ALA B 81 4.54 -28.62 -0.17
N SER B 82 4.70 -29.38 0.92
CA SER B 82 4.87 -30.85 0.84
C SER B 82 3.63 -31.55 0.33
N TYR B 83 2.45 -31.02 0.64
CA TYR B 83 1.19 -31.57 0.14
C TYR B 83 1.00 -31.27 -1.34
N VAL B 84 1.41 -30.10 -1.78
CA VAL B 84 1.39 -29.76 -3.21
C VAL B 84 2.36 -30.63 -4.00
N ILE B 85 3.55 -30.89 -3.45
CA ILE B 85 4.53 -31.75 -4.12
C ILE B 85 3.98 -33.15 -4.30
N SER B 86 3.21 -33.63 -3.33
CA SER B 86 2.64 -34.98 -3.39
C SER B 86 1.64 -35.17 -4.53
N ILE B 87 0.75 -34.19 -4.74
CA ILE B 87 -0.22 -34.23 -5.85
C ILE B 87 0.45 -34.03 -7.21
N LEU B 88 1.50 -33.23 -7.26
CA LEU B 88 2.30 -33.07 -8.48
C LEU B 88 3.06 -34.36 -8.81
N ASP B 89 3.53 -35.08 -7.80
CA ASP B 89 4.13 -36.42 -7.99
C ASP B 89 3.09 -37.46 -8.44
N ALA B 90 1.87 -37.36 -7.90
CA ALA B 90 0.77 -38.25 -8.26
C ALA B 90 0.31 -38.09 -9.69
N LEU B 91 0.19 -36.84 -10.14
CA LEU B 91 -0.21 -36.52 -11.52
C LEU B 91 0.97 -36.49 -12.52
N ASP B 92 2.19 -36.71 -12.04
CA ASP B 92 3.41 -36.72 -12.84
C ASP B 92 3.68 -35.39 -13.54
N ILE B 93 3.72 -34.34 -12.74
CA ILE B 93 4.10 -33.00 -13.16
C ILE B 93 5.49 -32.74 -12.59
N LYS B 94 6.51 -32.98 -13.40
CA LYS B 94 7.88 -32.91 -12.94
C LYS B 94 8.42 -31.46 -12.87
N HIS B 95 8.03 -30.64 -13.83
N HIS B 95 8.04 -30.62 -13.82
CA HIS B 95 8.41 -29.23 -13.89
CA HIS B 95 8.41 -29.21 -13.85
C HIS B 95 7.15 -28.38 -14.11
C HIS B 95 7.16 -28.38 -14.10
N ALA B 96 6.98 -27.33 -13.31
CA ALA B 96 5.75 -26.50 -13.37
C ALA B 96 5.93 -25.06 -12.94
N THR B 97 5.06 -24.20 -13.45
CA THR B 97 4.88 -22.83 -12.99
C THR B 97 3.73 -22.83 -11.97
N VAL B 98 3.85 -22.02 -10.93
CA VAL B 98 2.90 -22.02 -9.82
C VAL B 98 2.36 -20.62 -9.51
N TRP B 99 1.02 -20.51 -9.45
CA TRP B 99 0.34 -19.33 -8.92
C TRP B 99 -0.08 -19.63 -7.49
N GLY B 100 -0.08 -18.61 -6.67
CA GLY B 100 -0.52 -18.72 -5.27
C GLY B 100 -0.95 -17.38 -4.69
N CYS B 101 -2.01 -17.40 -3.88
CA CYS B 101 -2.51 -16.23 -3.19
C CYS B 101 -2.86 -16.58 -1.73
N SER B 102 -2.73 -15.58 -0.82
CA SER B 102 -2.97 -15.74 0.62
C SER B 102 -2.00 -16.79 1.17
N SER B 103 -2.50 -17.82 1.85
CA SER B 103 -1.67 -18.97 2.24
C SER B 103 -1.02 -19.68 1.05
N GLY B 104 -1.70 -19.66 -0.09
CA GLY B 104 -1.16 -20.18 -1.37
C GLY B 104 0.09 -19.44 -1.82
N ALA B 105 0.16 -18.14 -1.50
CA ALA B 105 1.33 -17.32 -1.82
C ALA B 105 2.54 -17.72 -1.00
N SER B 106 2.30 -18.00 0.27
CA SER B 106 3.33 -18.56 1.14
C SER B 106 3.78 -19.95 0.67
N THR B 107 2.84 -20.75 0.18
CA THR B 107 3.12 -22.10 -0.32
C THR B 107 4.01 -22.09 -1.57
N VAL B 108 3.68 -21.29 -2.57
CA VAL B 108 4.49 -21.22 -3.80
C VAL B 108 5.92 -20.72 -3.61
N VAL B 109 6.14 -19.84 -2.63
CA VAL B 109 7.48 -19.37 -2.32
C VAL B 109 8.24 -20.45 -1.57
N ALA B 110 7.54 -21.16 -0.68
CA ALA B 110 8.08 -22.37 -0.03
C ALA B 110 8.40 -23.49 -1.03
N LEU B 111 7.57 -23.62 -2.07
CA LEU B 111 7.82 -24.54 -3.17
C LEU B 111 9.06 -24.18 -3.98
N LEU B 112 9.25 -22.90 -4.24
CA LEU B 112 10.38 -22.41 -5.04
C LEU B 112 11.72 -22.56 -4.31
N LEU B 113 11.76 -22.16 -3.06
CA LEU B 113 12.98 -22.28 -2.24
C LEU B 113 13.29 -23.70 -1.83
N GLY B 114 12.26 -24.43 -1.41
CA GLY B 114 12.38 -25.83 -0.99
C GLY B 114 12.65 -26.81 -2.14
N TYR B 115 11.98 -26.64 -3.27
CA TYR B 115 12.06 -27.57 -4.40
C TYR B 115 12.36 -26.80 -5.69
N PRO B 116 13.58 -26.24 -5.82
CA PRO B 116 13.92 -25.43 -7.00
C PRO B 116 13.93 -26.18 -8.32
N ASP B 117 14.33 -27.45 -8.28
CA ASP B 117 14.28 -28.33 -9.48
C ASP B 117 12.88 -28.51 -10.08
N ARG B 118 11.86 -28.50 -9.23
CA ARG B 118 10.47 -28.73 -9.64
C ARG B 118 9.71 -27.46 -10.08
N ILE B 119 10.11 -26.28 -9.59
CA ILE B 119 9.43 -25.02 -9.91
C ILE B 119 10.19 -24.21 -10.98
N ARG B 120 9.53 -23.98 -12.13
CA ARG B 120 10.04 -23.13 -13.21
C ARG B 120 10.06 -21.67 -12.74
N ASN B 121 8.91 -21.22 -12.23
CA ASN B 121 8.74 -19.90 -11.64
C ASN B 121 7.50 -19.87 -10.77
N ALA B 122 7.45 -18.89 -9.86
CA ALA B 122 6.35 -18.73 -8.92
C ALA B 122 5.74 -17.35 -9.03
N CYS B 124 3.42 -15.22 -6.53
CA CYS B 124 2.77 -14.98 -5.25
C CYS B 124 1.96 -13.70 -5.28
N HIS B 125 0.78 -13.74 -4.65
CA HIS B 125 -0.10 -12.56 -4.57
C HIS B 125 -0.58 -12.37 -3.11
N GLU B 126 -0.15 -11.27 -2.48
CA GLU B 126 -0.58 -10.92 -1.14
C GLU B 126 -0.26 -12.00 -0.10
N LEU B 127 1.03 -12.24 0.07
CA LEU B 127 1.54 -13.19 1.04
C LEU B 127 1.43 -12.59 2.46
N PRO B 128 0.68 -13.25 3.36
CA PRO B 128 0.51 -12.73 4.73
C PRO B 128 1.69 -13.01 5.61
N THR B 129 2.27 -11.96 6.20
CA THR B 129 3.38 -12.11 7.17
C THR B 129 3.07 -11.65 8.60
N LYS B 130 1.97 -10.89 8.79
CA LYS B 130 1.63 -10.33 10.10
C LYS B 130 0.48 -11.13 10.75
N LEU B 131 0.54 -11.29 12.07
CA LEU B 131 -0.56 -11.88 12.85
C LEU B 131 -1.66 -10.85 13.12
N LEU B 132 -2.77 -10.97 12.39
CA LEU B 132 -3.97 -10.18 12.64
C LEU B 132 -4.78 -10.80 13.78
N ASP B 133 -4.91 -10.05 14.87
CA ASP B 133 -5.58 -10.56 16.11
C ASP B 133 -7.08 -10.79 15.96
N HIS B 134 -7.75 -9.92 15.19
CA HIS B 134 -9.20 -10.05 14.94
C HIS B 134 -9.59 -11.32 14.15
N LEU B 135 -8.66 -11.84 13.32
CA LEU B 135 -8.85 -13.15 12.66
C LEU B 135 -8.54 -14.35 13.56
N SER B 136 -7.57 -14.20 14.47
CA SER B 136 -7.20 -15.27 15.42
C SER B 136 -8.31 -15.54 16.46
N ASN B 137 -8.98 -14.49 16.91
CA ASN B 137 -10.05 -14.57 17.91
C ASN B 137 -11.35 -15.25 17.43
N THR B 138 -11.56 -15.34 16.10
CA THR B 138 -12.73 -16.04 15.55
C THR B 138 -12.67 -17.57 15.73
N ALA B 139 -11.45 -18.13 15.80
CA ALA B 139 -11.23 -19.59 15.94
C ALA B 139 -11.96 -20.24 17.14
N VAL B 140 -12.05 -19.51 18.25
CA VAL B 140 -12.65 -20.02 19.48
C VAL B 140 -14.19 -20.05 19.47
N LEU B 141 -14.83 -19.36 18.52
CA LEU B 141 -16.30 -19.24 18.47
C LEU B 141 -16.97 -20.50 17.89
N GLU B 142 -18.30 -20.53 17.90
CA GLU B 142 -19.06 -21.62 17.28
C GLU B 142 -18.96 -21.55 15.75
N ASP B 143 -19.28 -22.66 15.08
CA ASP B 143 -19.09 -22.79 13.63
C ASP B 143 -19.96 -21.84 12.81
N GLU B 144 -21.25 -21.70 13.18
CA GLU B 144 -22.17 -20.84 12.43
C GLU B 144 -21.87 -19.35 12.58
N GLU B 145 -21.35 -18.94 13.74
CA GLU B 145 -20.95 -17.56 13.96
C GLU B 145 -19.68 -17.19 13.19
N ILE B 146 -18.75 -18.14 13.06
CA ILE B 146 -17.54 -17.94 12.24
C ILE B 146 -17.91 -17.76 10.76
N SER B 147 -18.73 -18.66 10.25
CA SER B 147 -19.14 -18.64 8.85
C SER B 147 -19.92 -17.38 8.46
N ASN B 148 -20.81 -16.92 9.34
CA ASN B 148 -21.57 -15.68 9.12
C ASN B 148 -20.67 -14.45 9.17
N ILE B 149 -19.70 -14.43 10.08
CA ILE B 149 -18.74 -13.31 10.19
C ILE B 149 -17.80 -13.29 9.00
N LEU B 150 -17.17 -14.43 8.72
CA LEU B 150 -16.16 -14.50 7.62
C LEU B 150 -16.77 -14.39 6.21
N ALA B 151 -17.95 -14.91 5.97
CA ALA B 151 -18.63 -14.75 4.68
C ALA B 151 -18.93 -13.30 4.38
N ASN B 152 -19.31 -12.54 5.41
CA ASN B 152 -19.50 -11.10 5.30
C ASN B 152 -18.19 -10.35 5.06
N VAL B 153 -17.12 -10.78 5.73
CA VAL B 153 -15.78 -10.21 5.52
C VAL B 153 -15.30 -10.38 4.08
N LEU B 155 -17.12 -10.88 1.40
CA LEU B 155 -18.00 -10.15 0.50
C LEU B 155 -17.64 -8.65 0.40
N ASN B 156 -17.93 -7.98 1.50
CA ASN B 156 -17.68 -6.57 1.62
C ASN B 156 -16.26 -6.12 1.76
N ASP B 157 -15.53 -6.78 2.66
CA ASP B 157 -14.15 -6.41 2.95
C ASP B 157 -12.98 -6.68 2.02
N VAL B 158 -12.83 -7.90 1.51
CA VAL B 158 -11.66 -8.21 0.69
C VAL B 158 -11.83 -8.80 -0.68
N SER B 159 -13.07 -9.00 -1.10
CA SER B 159 -13.31 -9.60 -2.39
C SER B 159 -12.80 -8.72 -3.50
N GLY B 160 -12.98 -7.43 -3.39
CA GLY B 160 -12.55 -6.58 -4.48
C GLY B 160 -13.62 -6.45 -5.53
N GLY B 161 -14.83 -6.83 -5.17
CA GLY B 161 -15.97 -6.77 -6.04
C GLY B 161 -16.96 -7.80 -5.58
N SER B 162 -17.99 -7.29 -4.97
CA SER B 162 -19.04 -8.09 -4.42
C SER B 162 -19.79 -8.81 -5.48
N GLU B 163 -20.05 -8.13 -6.58
CA GLU B 163 -20.85 -8.74 -7.61
C GLU B 163 -20.20 -9.98 -8.17
N ALA B 164 -18.91 -9.93 -8.40
CA ALA B 164 -18.21 -11.08 -8.89
C ALA B 164 -18.21 -12.17 -7.87
N TRP B 165 -18.04 -11.80 -6.62
CA TRP B 165 -18.00 -12.77 -5.54
C TRP B 165 -19.31 -13.49 -5.44
N GLN B 166 -20.40 -12.75 -5.53
CA GLN B 166 -21.71 -13.35 -5.44
C GLN B 166 -21.98 -14.30 -6.57
N ALA B 167 -21.57 -13.88 -7.74
CA ALA B 167 -21.80 -14.64 -8.97
C ALA B 167 -21.15 -16.02 -9.02
N LEU B 168 -20.34 -16.37 -8.02
CA LEU B 168 -19.79 -17.72 -7.92
C LEU B 168 -20.89 -18.79 -7.76
N GLY B 169 -22.01 -18.42 -7.14
CA GLY B 169 -23.19 -19.27 -7.05
C GLY B 169 -23.45 -19.81 -5.65
N VAL B 170 -24.60 -20.46 -5.48
CA VAL B 170 -25.01 -20.96 -4.16
C VAL B 170 -24.22 -22.21 -3.77
N GLU B 171 -23.87 -23.01 -4.75
CA GLU B 171 -23.14 -24.27 -4.50
C GLU B 171 -21.71 -24.00 -4.02
N VAL B 172 -21.09 -22.94 -4.54
CA VAL B 172 -19.74 -22.55 -4.14
C VAL B 172 -19.75 -21.92 -2.74
N HIS B 173 -20.68 -21.00 -2.51
CA HIS B 173 -20.86 -20.40 -1.17
C HIS B 173 -21.29 -21.39 -0.09
N ALA B 174 -22.01 -22.45 -0.49
CA ALA B 174 -22.33 -23.57 0.41
C ALA B 174 -21.08 -24.33 0.82
N ARG B 175 -20.15 -24.57 -0.12
CA ARG B 175 -18.84 -25.19 0.19
C ARG B 175 -17.93 -24.25 1.00
N LEU B 176 -17.95 -22.95 0.68
CA LEU B 176 -17.21 -21.95 1.47
C LEU B 176 -17.73 -21.80 2.89
N HIS B 177 -19.05 -21.89 3.07
CA HIS B 177 -19.71 -21.85 4.38
C HIS B 177 -19.15 -22.92 5.34
N LYS B 178 -18.90 -24.14 4.83
CA LYS B 178 -18.29 -25.22 5.62
C LYS B 178 -16.79 -25.05 5.85
N ASN B 179 -16.10 -24.36 4.93
CA ASN B 179 -14.64 -24.14 5.02
C ASN B 179 -14.20 -23.08 6.02
N TYR B 180 -15.00 -22.02 6.20
CA TYR B 180 -14.64 -20.89 7.10
C TYR B 180 -14.23 -21.31 8.53
N PRO B 181 -14.98 -22.21 9.20
CA PRO B 181 -14.56 -22.71 10.49
C PRO B 181 -13.27 -23.55 10.47
N VAL B 182 -13.07 -24.33 9.40
CA VAL B 182 -11.89 -25.19 9.25
C VAL B 182 -10.67 -24.32 9.01
N TRP B 183 -10.84 -23.28 8.19
CA TRP B 183 -9.79 -22.29 7.91
C TRP B 183 -9.44 -21.51 9.17
N ALA B 184 -10.46 -20.99 9.87
CA ALA B 184 -10.27 -20.14 11.05
C ALA B 184 -9.45 -20.80 12.15
N ARG B 185 -9.72 -22.08 12.41
CA ARG B 185 -8.96 -22.86 13.39
C ARG B 185 -7.54 -23.22 12.95
N GLY B 186 -7.35 -23.49 11.68
CA GLY B 186 -6.05 -23.95 11.16
C GLY B 186 -5.06 -22.90 10.70
N TYR B 187 -5.55 -21.96 9.90
CA TYR B 187 -4.67 -21.06 9.11
C TYR B 187 -4.13 -19.78 9.80
N PRO B 188 -5.00 -18.84 10.18
CA PRO B 188 -4.56 -17.45 10.47
C PRO B 188 -3.56 -17.27 11.61
N ARG B 189 -3.58 -18.15 12.60
CA ARG B 189 -2.61 -18.11 13.70
C ARG B 189 -1.22 -18.65 13.31
N THR B 190 -1.19 -19.76 12.57
CA THR B 190 0.06 -20.47 12.26
C THR B 190 0.71 -20.13 10.91
N ILE B 191 -0.06 -19.58 9.96
CA ILE B 191 0.45 -19.28 8.61
C ILE B 191 1.43 -18.10 8.54
N PRO B 192 1.06 -16.91 9.09
CA PRO B 192 1.94 -15.74 8.95
C PRO B 192 3.37 -15.87 9.53
N PRO B 193 3.55 -16.58 10.67
CA PRO B 193 4.91 -16.84 11.16
C PRO B 193 5.75 -17.73 10.29
N SER B 194 5.11 -18.62 9.52
CA SER B 194 5.79 -19.59 8.68
C SER B 194 6.12 -19.06 7.30
N ALA B 195 5.92 -17.75 7.07
CA ALA B 195 6.27 -17.14 5.78
C ALA B 195 7.77 -17.24 5.53
N PRO B 196 8.18 -17.77 4.36
CA PRO B 196 9.61 -17.94 4.05
C PRO B 196 10.35 -16.68 3.52
N VAL B 197 9.74 -15.51 3.72
CA VAL B 197 10.29 -14.24 3.29
C VAL B 197 11.11 -13.54 4.38
N GLN B 198 11.42 -14.21 5.48
CA GLN B 198 12.25 -13.66 6.55
C GLN B 198 13.67 -13.46 6.03
N ASP B 199 14.21 -14.51 5.37
CA ASP B 199 15.51 -14.42 4.71
C ASP B 199 15.35 -13.73 3.34
N VAL B 200 15.86 -12.51 3.23
CA VAL B 200 15.76 -11.70 2.02
C VAL B 200 16.75 -12.21 0.96
N GLU B 201 17.94 -12.58 1.37
CA GLU B 201 18.98 -13.06 0.43
C GLU B 201 18.70 -14.39 -0.23
N ALA B 202 17.84 -15.21 0.38
CA ALA B 202 17.35 -16.45 -0.23
C ALA B 202 16.49 -16.18 -1.48
N LEU B 203 15.74 -15.08 -1.47
CA LEU B 203 14.87 -14.70 -2.58
C LEU B 203 15.59 -14.06 -3.76
N ARG B 204 16.79 -13.53 -3.57
CA ARG B 204 17.46 -12.77 -4.65
C ARG B 204 17.86 -13.68 -5.80
N GLY B 205 17.50 -13.24 -7.01
CA GLY B 205 17.81 -13.93 -8.24
C GLY B 205 16.89 -15.05 -8.65
N LYS B 206 15.92 -15.38 -7.79
CA LYS B 206 14.97 -16.46 -8.03
C LYS B 206 13.92 -16.03 -9.04
N PRO B 207 13.38 -17.00 -9.82
CA PRO B 207 12.32 -16.67 -10.76
C PRO B 207 10.97 -16.48 -10.04
N LEU B 208 10.80 -15.28 -9.48
CA LEU B 208 9.66 -14.93 -8.66
C LEU B 208 9.06 -13.61 -9.12
N ASP B 209 7.73 -13.58 -9.21
CA ASP B 209 6.98 -12.40 -9.61
C ASP B 209 5.88 -12.17 -8.58
N TRP B 210 6.04 -11.09 -7.82
CA TRP B 210 5.18 -10.78 -6.68
C TRP B 210 4.12 -9.77 -7.13
N THR B 211 2.90 -9.90 -6.63
CA THR B 211 1.81 -8.93 -6.90
C THR B 211 1.03 -8.62 -5.63
N VAL B 212 0.40 -7.45 -5.62
CA VAL B 212 -0.47 -6.99 -4.56
C VAL B 212 -1.73 -6.38 -5.19
N GLY B 213 -2.85 -6.47 -4.51
CA GLY B 213 -4.07 -5.88 -5.01
C GLY B 213 -4.02 -4.36 -5.03
N ALA B 214 -4.51 -3.77 -6.12
CA ALA B 214 -4.43 -2.35 -6.34
C ALA B 214 -5.37 -1.58 -5.39
N ALA B 215 -6.60 -2.09 -5.23
CA ALA B 215 -7.59 -1.47 -4.35
C ALA B 215 -7.43 -1.82 -2.86
N THR B 216 -6.54 -2.75 -2.53
CA THR B 216 -6.30 -3.15 -1.14
C THR B 216 -5.70 -1.99 -0.33
N PRO B 217 -6.10 -1.83 0.96
CA PRO B 217 -5.43 -0.92 1.87
C PRO B 217 -3.92 -1.13 1.94
N THR B 218 -3.17 -0.03 2.06
CA THR B 218 -1.70 -0.06 1.98
C THR B 218 -1.08 -0.83 3.12
N GLU B 219 -1.68 -0.75 4.31
CA GLU B 219 -1.13 -1.43 5.50
C GLU B 219 -1.15 -2.94 5.40
N SER B 220 -2.14 -3.47 4.66
CA SER B 220 -2.38 -4.91 4.61
C SER B 220 -1.15 -5.67 4.09
N PHE B 221 -0.61 -5.23 2.95
CA PHE B 221 0.56 -5.87 2.36
C PHE B 221 1.63 -4.84 1.99
N PHE B 222 1.92 -3.93 2.91
CA PHE B 222 3.02 -2.99 2.84
C PHE B 222 4.34 -3.75 2.93
N ASP B 223 4.44 -4.70 3.83
CA ASP B 223 5.66 -5.55 4.02
C ASP B 223 6.08 -6.34 2.77
N ASN B 224 5.14 -6.73 1.92
CA ASN B 224 5.44 -7.44 0.67
C ASN B 224 6.21 -6.56 -0.27
N ILE B 225 5.83 -5.28 -0.34
CA ILE B 225 6.44 -4.32 -1.26
C ILE B 225 7.86 -3.97 -0.80
N VAL B 226 8.05 -3.87 0.52
CA VAL B 226 9.36 -3.60 1.11
C VAL B 226 10.29 -4.81 0.92
N THR B 227 9.81 -6.01 1.24
CA THR B 227 10.59 -7.25 1.14
C THR B 227 10.96 -7.57 -0.30
N ALA B 228 10.02 -7.39 -1.23
CA ALA B 228 10.26 -7.65 -2.65
C ALA B 228 11.28 -6.71 -3.25
N THR B 229 11.22 -5.43 -2.87
CA THR B 229 12.13 -4.41 -3.40
C THR B 229 13.55 -4.58 -2.88
N LYS B 230 13.70 -5.01 -1.62
CA LYS B 230 15.01 -5.32 -1.05
C LYS B 230 15.66 -6.50 -1.73
N ALA B 231 14.87 -7.54 -2.03
CA ALA B 231 15.35 -8.75 -2.69
C ALA B 231 15.56 -8.60 -4.21
N GLY B 232 15.09 -7.50 -4.78
CA GLY B 232 15.20 -7.23 -6.21
C GLY B 232 14.23 -7.99 -7.05
N VAL B 233 13.14 -8.47 -6.45
CA VAL B 233 12.10 -9.29 -7.08
C VAL B 233 11.10 -8.36 -7.76
N ASN B 234 10.53 -8.84 -8.86
CA ASN B 234 9.56 -8.03 -9.61
C ASN B 234 8.28 -7.94 -8.79
N ILE B 235 7.87 -6.73 -8.48
CA ILE B 235 6.69 -6.50 -7.68
C ILE B 235 5.77 -5.61 -8.45
N GLY B 236 4.50 -5.95 -8.51
CA GLY B 236 3.56 -5.19 -9.29
C GLY B 236 2.19 -5.21 -8.71
N LEU B 237 1.25 -4.57 -9.37
CA LEU B 237 -0.10 -4.51 -8.87
C LEU B 237 -1.06 -5.14 -9.80
N LEU B 238 -2.11 -5.71 -9.25
CA LEU B 238 -3.16 -6.32 -10.01
C LEU B 238 -4.44 -5.65 -9.60
N PRO B 239 -5.39 -5.53 -10.49
CA PRO B 239 -6.63 -4.86 -10.10
C PRO B 239 -7.43 -5.65 -9.12
N GLY B 240 -8.21 -4.95 -8.33
CA GLY B 240 -9.02 -5.60 -7.32
C GLY B 240 -8.24 -5.72 -6.05
N HIS B 242 -7.95 -8.92 -2.91
CA HIS B 242 -7.51 -10.26 -2.63
C HIS B 242 -7.72 -11.39 -3.62
N PHE B 243 -8.74 -11.30 -4.46
CA PHE B 243 -9.01 -12.38 -5.39
C PHE B 243 -9.10 -11.89 -6.79
N PRO B 244 -7.96 -11.65 -7.41
CA PRO B 244 -7.94 -11.15 -8.77
C PRO B 244 -8.60 -12.12 -9.68
N TYR B 245 -8.41 -13.40 -9.48
CA TYR B 245 -9.03 -14.37 -10.35
C TYR B 245 -10.53 -14.32 -10.33
N VAL B 246 -11.10 -13.93 -9.21
CA VAL B 246 -12.56 -13.81 -9.11
C VAL B 246 -13.03 -12.47 -9.65
N SER B 247 -12.44 -11.37 -9.19
CA SER B 247 -12.86 -10.01 -9.59
C SER B 247 -12.53 -9.61 -11.04
N HIS B 248 -11.31 -9.89 -11.48
CA HIS B 248 -10.81 -9.54 -12.81
C HIS B 248 -10.17 -10.77 -13.48
N PRO B 249 -11.01 -11.74 -13.90
CA PRO B 249 -10.47 -13.03 -14.39
C PRO B 249 -9.68 -12.94 -15.69
N ASP B 250 -10.08 -12.02 -16.58
CA ASP B 250 -9.38 -11.81 -17.86
C ASP B 250 -8.00 -11.19 -17.66
N VAL B 251 -7.88 -10.23 -16.74
CA VAL B 251 -6.61 -9.57 -16.43
C VAL B 251 -5.72 -10.53 -15.67
N PHE B 252 -6.30 -11.34 -14.80
CA PHE B 252 -5.58 -12.42 -14.11
C PHE B 252 -5.04 -13.45 -15.09
N ALA B 253 -5.90 -13.96 -15.97
CA ALA B 253 -5.53 -14.98 -16.95
C ALA B 253 -4.46 -14.50 -17.89
N LYS B 254 -4.47 -13.20 -18.22
CA LYS B 254 -3.45 -12.59 -19.10
C LYS B 254 -2.13 -12.51 -18.38
N TYR B 255 -2.17 -12.17 -17.10
CA TYR B 255 -0.95 -12.03 -16.30
C TYR B 255 -0.25 -13.37 -16.11
N VAL B 256 -1.04 -14.42 -15.88
CA VAL B 256 -0.47 -15.78 -15.71
C VAL B 256 0.21 -16.27 -17.00
N VAL B 257 -0.41 -16.03 -18.14
CA VAL B 257 0.14 -16.42 -19.43
C VAL B 257 1.39 -15.62 -19.80
N GLU B 258 1.32 -14.29 -19.67
CA GLU B 258 2.44 -13.40 -20.05
C GLU B 258 3.68 -13.62 -19.19
N THR B 259 3.48 -13.88 -17.90
CA THR B 259 4.59 -14.15 -16.98
C THR B 259 5.23 -15.50 -17.25
N THR B 260 4.42 -16.54 -17.49
CA THR B 260 4.92 -17.87 -17.84
C THR B 260 5.68 -17.91 -19.18
N GLN B 261 5.18 -17.18 -20.16
CA GLN B 261 5.83 -17.05 -21.46
C GLN B 261 7.18 -16.34 -21.35
N LYS B 262 7.30 -15.38 -20.43
CA LYS B 262 8.53 -14.63 -20.21
C LYS B 262 9.62 -15.53 -19.62
N HIS B 263 9.25 -16.36 -18.64
CA HIS B 263 10.21 -17.30 -18.03
C HIS B 263 10.57 -18.50 -18.95
N LEU B 264 9.65 -18.93 -19.79
CA LEU B 264 9.95 -19.95 -20.80
C LEU B 264 10.94 -19.47 -21.85
N TRP B 265 10.89 -18.17 -22.16
CA TRP B 265 11.87 -17.54 -23.06
C TRP B 265 13.25 -17.51 -22.44
N ASN B 266 13.33 -17.17 -21.17
CA ASN B 266 14.61 -17.06 -20.45
C ASN B 266 15.38 -18.37 -20.29
N SER B 267 14.67 -19.50 -20.34
CA SER B 267 15.32 -20.82 -20.39
C SER B 267 16.07 -21.08 -21.72
N SER B 268 17.35 -20.67 -21.73
CA SER B 268 18.34 -20.94 -22.77
C SER B 268 19.73 -20.68 -22.14
#